data_8GIJ
#
_entry.id   8GIJ
#
_cell.length_a   59.952
_cell.length_b   60.951
_cell.length_c   121.884
_cell.angle_alpha   90.00
_cell.angle_beta   90.00
_cell.angle_gamma   90.00
#
_symmetry.space_group_name_H-M   'P 21 21 21'
#
loop_
_entity.id
_entity.type
_entity.pdbx_description
1 polymer 'TEM-1 Beta Lactmase Variant 80.b'
2 water water
#
_entity_poly.entity_id   1
_entity_poly.type   'polypeptide(L)'
_entity_poly.pdbx_seq_one_letter_code
;HPETLVTVKDIESRLGARVGYAVLDTASGKIWESYRADERFPMMSTFKVLACGALLSRVDAGQEQLDRRIRFRQSDLVTY
SPVTEKHLDDGMTLAELCEAAITMSDNTAGNLVLETLGGPEGLTAFLRTLGDQVTRLDRWETALNEATPGDERDTTTPAA
MAATLRKLLTGDALSPASRQQLIDWMEADKVAGPLLRSALPAGWFIADKSGAGGRGSRGIVAALGPPGKPPRIVVIYLTE
TEATMDERNAAIAEIGAALIKHW
;
_entity_poly.pdbx_strand_id   A,B
#
# COMPACT_ATOMS: atom_id res chain seq x y z
N HIS A 1 9.59 -26.18 -15.98
CA HIS A 1 10.81 -26.44 -15.22
C HIS A 1 10.46 -27.21 -13.95
N PRO A 2 11.20 -28.28 -13.67
CA PRO A 2 10.91 -29.08 -12.47
C PRO A 2 10.89 -28.28 -11.16
N GLU A 3 11.76 -27.27 -11.03
CA GLU A 3 11.76 -26.41 -9.85
C GLU A 3 10.39 -25.80 -9.59
N THR A 4 9.82 -25.18 -10.62
CA THR A 4 8.54 -24.49 -10.45
C THR A 4 7.43 -25.46 -10.14
N LEU A 5 7.44 -26.63 -10.78
CA LEU A 5 6.38 -27.61 -10.55
C LEU A 5 6.41 -28.14 -9.12
N VAL A 6 7.61 -28.33 -8.56
CA VAL A 6 7.68 -28.70 -7.15
C VAL A 6 7.01 -27.64 -6.30
N THR A 7 7.28 -26.38 -6.60
CA THR A 7 6.74 -25.30 -5.81
C THR A 7 5.21 -25.25 -5.92
N VAL A 8 4.68 -25.38 -7.14
CA VAL A 8 3.25 -25.20 -7.32
C VAL A 8 2.49 -26.36 -6.71
N LYS A 9 3.04 -27.58 -6.81
CA LYS A 9 2.33 -28.71 -6.23
C LYS A 9 2.33 -28.64 -4.72
N ASP A 10 3.40 -28.13 -4.13
CA ASP A 10 3.41 -27.91 -2.69
C ASP A 10 2.38 -26.87 -2.28
N ILE A 11 2.27 -25.77 -3.06
CA ILE A 11 1.26 -24.75 -2.75
C ILE A 11 -0.13 -25.36 -2.78
N GLU A 12 -0.44 -26.11 -3.84
CA GLU A 12 -1.77 -26.70 -3.99
C GLU A 12 -2.09 -27.62 -2.81
N SER A 13 -1.09 -28.35 -2.31
CA SER A 13 -1.29 -29.25 -1.18
C SER A 13 -1.38 -28.48 0.14
N ARG A 14 -0.44 -27.56 0.36
CA ARG A 14 -0.40 -26.82 1.61
C ARG A 14 -1.65 -25.97 1.80
N LEU A 15 -2.08 -25.28 0.74
CA LEU A 15 -3.18 -24.33 0.83
C LEU A 15 -4.52 -24.94 0.40
N GLY A 16 -4.52 -26.12 -0.19
CA GLY A 16 -5.75 -26.69 -0.71
C GLY A 16 -6.30 -25.97 -1.93
N ALA A 17 -5.44 -25.25 -2.64
CA ALA A 17 -5.85 -24.34 -3.69
C ALA A 17 -5.68 -24.97 -5.08
N ARG A 18 -6.41 -24.42 -6.04
CA ARG A 18 -6.14 -24.63 -7.45
C ARG A 18 -5.25 -23.49 -7.93
N VAL A 19 -4.12 -23.83 -8.54
CA VAL A 19 -3.14 -22.84 -9.00
C VAL A 19 -2.89 -23.07 -10.48
N GLY A 20 -2.84 -21.99 -11.25
CA GLY A 20 -2.48 -22.09 -12.66
C GLY A 20 -1.54 -20.97 -13.03
N TYR A 21 -0.65 -21.25 -13.98
CA TYR A 21 0.25 -20.20 -14.42
C TYR A 21 0.73 -20.45 -15.84
N ALA A 22 1.18 -19.38 -16.48
CA ALA A 22 1.80 -19.47 -17.79
C ALA A 22 2.87 -18.40 -17.89
N VAL A 23 3.99 -18.74 -18.51
CA VAL A 23 5.05 -17.78 -18.80
C VAL A 23 5.27 -17.81 -20.31
N LEU A 24 5.11 -16.64 -20.94
CA LEU A 24 5.17 -16.54 -22.39
C LEU A 24 6.34 -15.64 -22.78
N ASP A 25 7.30 -16.20 -23.52
CA ASP A 25 8.45 -15.42 -23.95
C ASP A 25 8.03 -14.47 -25.06
N THR A 26 8.18 -13.16 -24.87
CA THR A 26 7.65 -12.25 -25.87
C THR A 26 8.50 -12.17 -27.13
N ALA A 27 9.79 -12.49 -27.05
CA ALA A 27 10.62 -12.47 -28.24
C ALA A 27 10.31 -13.65 -29.15
N SER A 28 10.16 -14.84 -28.58
CA SER A 28 9.90 -16.04 -29.36
C SER A 28 8.41 -16.29 -29.56
N GLY A 29 7.54 -15.75 -28.70
CA GLY A 29 6.13 -16.09 -28.73
C GLY A 29 5.80 -17.44 -28.16
N LYS A 30 6.75 -18.11 -27.52
CA LYS A 30 6.64 -19.48 -27.04
C LYS A 30 6.30 -19.51 -25.56
N ILE A 31 5.41 -20.42 -25.17
CA ILE A 31 5.17 -20.67 -23.76
C ILE A 31 6.42 -21.32 -23.16
N TRP A 32 7.02 -20.64 -22.18
CA TRP A 32 8.27 -21.04 -21.57
C TRP A 32 8.05 -22.09 -20.48
N GLU A 33 7.00 -21.91 -19.67
CA GLU A 33 6.56 -22.85 -18.64
C GLU A 33 5.06 -22.64 -18.45
N SER A 34 4.36 -23.67 -17.96
CA SER A 34 2.97 -23.47 -17.59
C SER A 34 2.48 -24.63 -16.73
N TYR A 35 1.32 -24.41 -16.12
CA TYR A 35 0.66 -25.38 -15.27
C TYR A 35 -0.81 -25.01 -15.21
N ARG A 36 -1.70 -26.00 -15.44
CA ARG A 36 -3.13 -25.77 -15.60
C ARG A 36 -3.40 -24.56 -16.50
N ALA A 37 -2.62 -24.42 -17.57
CA ALA A 37 -2.70 -23.17 -18.35
C ALA A 37 -3.97 -23.08 -19.17
N ASP A 38 -4.70 -24.17 -19.34
CA ASP A 38 -5.94 -24.13 -20.08
C ASP A 38 -7.17 -24.20 -19.16
N GLU A 39 -6.97 -24.14 -17.84
CA GLU A 39 -8.07 -24.10 -16.89
C GLU A 39 -8.51 -22.65 -16.67
N ARG A 40 -9.80 -22.47 -16.36
CA ARG A 40 -10.34 -21.14 -16.11
C ARG A 40 -10.12 -20.72 -14.66
N PHE A 41 -9.87 -19.42 -14.48
CA PHE A 41 -9.66 -18.77 -13.18
C PHE A 41 -10.34 -17.42 -13.25
N PRO A 42 -10.83 -16.90 -12.12
CA PRO A 42 -11.38 -15.54 -12.11
C PRO A 42 -10.30 -14.49 -12.37
N MET A 43 -10.61 -13.52 -13.23
CA MET A 43 -9.62 -12.47 -13.48
C MET A 43 -9.47 -11.53 -12.29
N MET A 44 -10.55 -11.26 -11.56
CA MET A 44 -10.52 -10.23 -10.53
C MET A 44 -10.00 -8.95 -11.17
N SER A 45 -9.22 -8.14 -10.44
CA SER A 45 -8.80 -6.85 -10.97
C SER A 45 -7.79 -6.94 -12.10
N THR A 46 -7.28 -8.14 -12.43
CA THR A 46 -6.40 -8.21 -13.58
C THR A 46 -7.11 -7.84 -14.88
N PHE A 47 -8.45 -7.88 -14.90
CA PHE A 47 -9.16 -7.41 -16.09
C PHE A 47 -8.87 -5.94 -16.38
N LYS A 48 -8.46 -5.17 -15.37
CA LYS A 48 -8.35 -3.74 -15.56
C LYS A 48 -7.27 -3.40 -16.59
N VAL A 49 -6.24 -4.26 -16.72
CA VAL A 49 -5.25 -4.07 -17.77
C VAL A 49 -5.91 -4.17 -19.14
N LEU A 50 -6.77 -5.18 -19.31
CA LEU A 50 -7.47 -5.36 -20.57
C LEU A 50 -8.42 -4.20 -20.85
N ALA A 51 -9.12 -3.72 -19.82
CA ALA A 51 -10.05 -2.60 -20.01
C ALA A 51 -9.30 -1.36 -20.46
N CYS A 52 -8.17 -1.07 -19.81
CA CYS A 52 -7.40 0.11 -20.22
C CYS A 52 -6.76 -0.08 -21.59
N GLY A 53 -6.34 -1.30 -21.93
CA GLY A 53 -5.87 -1.56 -23.28
C GLY A 53 -6.93 -1.32 -24.33
N ALA A 54 -8.17 -1.75 -24.06
CA ALA A 54 -9.27 -1.50 -24.98
C ALA A 54 -9.54 -0.02 -25.14
N LEU A 55 -9.47 0.74 -24.04
CA LEU A 55 -9.66 2.18 -24.14
C LEU A 55 -8.58 2.79 -25.00
N LEU A 56 -7.32 2.40 -24.77
CA LEU A 56 -6.21 2.93 -25.56
C LEU A 56 -6.35 2.56 -27.03
N SER A 57 -6.94 1.39 -27.31
CA SER A 57 -7.19 1.01 -28.70
C SER A 57 -8.19 1.96 -29.35
N ARG A 58 -9.25 2.33 -28.62
CA ARG A 58 -10.18 3.32 -29.13
C ARG A 58 -9.52 4.68 -29.32
N VAL A 59 -8.63 5.06 -28.39
CA VAL A 59 -7.86 6.30 -28.58
C VAL A 59 -7.05 6.23 -29.88
N ASP A 60 -6.33 5.13 -30.07
CA ASP A 60 -5.50 4.97 -31.28
C ASP A 60 -6.33 5.09 -32.55
N ALA A 61 -7.58 4.65 -32.52
CA ALA A 61 -8.42 4.66 -33.69
C ALA A 61 -9.18 5.97 -33.86
N GLY A 62 -8.88 6.97 -33.03
CA GLY A 62 -9.52 8.25 -33.08
C GLY A 62 -10.94 8.26 -32.56
N GLN A 63 -11.34 7.24 -31.78
CA GLN A 63 -12.68 7.17 -31.23
C GLN A 63 -12.78 7.73 -29.83
N GLU A 64 -11.66 8.05 -29.20
CA GLU A 64 -11.63 8.40 -27.80
C GLU A 64 -10.45 9.35 -27.55
N GLN A 65 -10.56 10.16 -26.50
CA GLN A 65 -9.50 11.08 -26.12
C GLN A 65 -9.12 10.85 -24.67
N LEU A 66 -7.81 10.66 -24.42
CA LEU A 66 -7.33 10.37 -23.08
C LEU A 66 -7.64 11.49 -22.09
N ASP A 67 -7.72 12.73 -22.56
CA ASP A 67 -7.97 13.82 -21.63
C ASP A 67 -9.45 14.18 -21.52
N ARG A 68 -10.35 13.34 -22.04
CA ARG A 68 -11.77 13.57 -21.86
C ARG A 68 -12.13 13.44 -20.39
N ARG A 69 -12.89 14.40 -19.87
CA ARG A 69 -13.24 14.44 -18.45
C ARG A 69 -14.58 13.74 -18.22
N ILE A 70 -14.59 12.84 -17.23
CA ILE A 70 -15.78 12.08 -16.84
C ILE A 70 -16.27 12.63 -15.51
N ARG A 71 -17.56 12.94 -15.44
CA ARG A 71 -18.19 13.35 -14.20
C ARG A 71 -19.04 12.20 -13.68
N PHE A 72 -18.99 11.97 -12.37
CA PHE A 72 -19.73 10.87 -11.76
C PHE A 72 -20.22 11.30 -10.38
N ARG A 73 -21.06 10.48 -9.77
CA ARG A 73 -21.75 10.82 -8.53
C ARG A 73 -21.45 9.78 -7.46
N GLN A 74 -21.83 10.11 -6.21
CA GLN A 74 -21.61 9.14 -5.13
C GLN A 74 -22.28 7.82 -5.43
N SER A 75 -23.42 7.84 -6.09
CA SER A 75 -24.14 6.63 -6.44
C SER A 75 -23.34 5.72 -7.36
N ASP A 76 -22.30 6.23 -8.02
CA ASP A 76 -21.43 5.42 -8.86
C ASP A 76 -20.36 4.70 -8.07
N LEU A 77 -20.13 5.09 -6.82
CA LEU A 77 -19.04 4.51 -6.05
C LEU A 77 -19.39 3.10 -5.58
N VAL A 78 -18.50 2.15 -5.90
CA VAL A 78 -18.54 0.83 -5.31
C VAL A 78 -17.41 0.72 -4.28
N THR A 79 -17.40 -0.40 -3.53
CA THR A 79 -16.37 -0.68 -2.53
C THR A 79 -14.96 -0.52 -3.12
N TYR A 80 -14.06 0.04 -2.30
CA TYR A 80 -12.66 0.29 -2.63
C TYR A 80 -12.51 1.21 -3.84
N SER A 81 -12.72 2.50 -3.59
CA SER A 81 -12.63 3.56 -4.59
C SER A 81 -11.75 4.68 -4.05
N PRO A 82 -10.49 4.39 -3.72
CA PRO A 82 -9.69 5.37 -2.96
C PRO A 82 -9.37 6.63 -3.73
N VAL A 83 -9.34 6.60 -5.06
CA VAL A 83 -9.07 7.78 -5.85
C VAL A 83 -10.36 8.43 -6.31
N THR A 84 -11.27 7.65 -6.89
CA THR A 84 -12.48 8.24 -7.45
C THR A 84 -13.35 8.90 -6.39
N GLU A 85 -13.34 8.41 -5.15
CA GLU A 85 -14.20 9.02 -4.15
C GLU A 85 -13.77 10.44 -3.80
N LYS A 86 -12.55 10.84 -4.17
CA LYS A 86 -12.07 12.21 -3.96
C LYS A 86 -12.50 13.16 -5.06
N HIS A 87 -13.15 12.69 -6.12
CA HIS A 87 -13.38 13.55 -7.28
C HIS A 87 -14.83 13.60 -7.68
N LEU A 88 -15.74 13.52 -6.71
CA LEU A 88 -17.16 13.63 -6.99
C LEU A 88 -17.53 15.02 -7.49
N ASP A 89 -16.78 16.05 -7.10
CA ASP A 89 -17.13 17.42 -7.48
C ASP A 89 -16.47 17.87 -8.78
N ASP A 90 -15.27 17.37 -9.10
CA ASP A 90 -14.54 17.85 -10.26
C ASP A 90 -14.38 16.82 -11.37
N GLY A 91 -14.70 15.55 -11.10
CA GLY A 91 -14.54 14.57 -12.14
C GLY A 91 -13.06 14.20 -12.34
N MET A 92 -12.82 13.41 -13.37
CA MET A 92 -11.52 12.80 -13.60
C MET A 92 -11.36 12.60 -15.11
N THR A 93 -10.14 12.80 -15.63
CA THR A 93 -9.94 12.47 -17.05
C THR A 93 -9.82 10.95 -17.22
N LEU A 94 -10.01 10.51 -18.47
CA LEU A 94 -9.88 9.08 -18.74
C LEU A 94 -8.47 8.59 -18.42
N ALA A 95 -7.45 9.41 -18.68
CA ALA A 95 -6.10 9.02 -18.27
C ALA A 95 -6.01 8.87 -16.76
N GLU A 96 -6.58 9.81 -16.00
CA GLU A 96 -6.56 9.68 -14.55
C GLU A 96 -7.33 8.44 -14.09
N LEU A 97 -8.43 8.12 -14.77
CA LEU A 97 -9.21 6.94 -14.37
C LEU A 97 -8.43 5.66 -14.67
N CYS A 98 -7.78 5.58 -15.83
CA CYS A 98 -6.96 4.41 -16.13
C CYS A 98 -5.83 4.28 -15.13
N GLU A 99 -5.17 5.39 -14.82
CA GLU A 99 -4.12 5.38 -13.81
C GLU A 99 -4.64 4.88 -12.47
N ALA A 100 -5.82 5.35 -12.04
CA ALA A 100 -6.39 4.89 -10.78
C ALA A 100 -6.74 3.40 -10.83
N ALA A 101 -7.34 2.97 -11.95
CA ALA A 101 -7.74 1.56 -12.05
C ALA A 101 -6.52 0.64 -12.01
N ILE A 102 -5.42 1.03 -12.63
CA ILE A 102 -4.25 0.15 -12.69
C ILE A 102 -3.36 0.32 -11.47
N THR A 103 -2.99 1.56 -11.13
CA THR A 103 -1.97 1.71 -10.07
C THR A 103 -2.54 1.48 -8.69
N MET A 104 -3.82 1.80 -8.49
CA MET A 104 -4.46 1.70 -7.20
C MET A 104 -5.49 0.59 -7.15
N SER A 105 -5.87 0.05 -8.30
CA SER A 105 -6.93 -0.94 -8.42
C SER A 105 -8.28 -0.37 -7.98
N ASP A 106 -8.45 0.93 -8.17
CA ASP A 106 -9.72 1.59 -7.85
C ASP A 106 -10.86 0.93 -8.61
N ASN A 107 -11.88 0.47 -7.87
CA ASN A 107 -12.96 -0.29 -8.48
C ASN A 107 -13.93 0.58 -9.27
N THR A 108 -14.31 1.76 -8.75
CA THR A 108 -15.15 2.64 -9.55
C THR A 108 -14.43 3.09 -10.82
N ALA A 109 -13.14 3.38 -10.71
CA ALA A 109 -12.38 3.71 -11.92
C ALA A 109 -12.48 2.59 -12.95
N GLY A 110 -12.37 1.33 -12.51
CA GLY A 110 -12.53 0.24 -13.45
C GLY A 110 -13.88 0.24 -14.12
N ASN A 111 -14.95 0.49 -13.34
CA ASN A 111 -16.28 0.55 -13.92
C ASN A 111 -16.43 1.72 -14.88
N LEU A 112 -15.85 2.87 -14.54
CA LEU A 112 -16.00 4.04 -15.41
C LEU A 112 -15.28 3.83 -16.74
N VAL A 113 -14.12 3.16 -16.70
CA VAL A 113 -13.45 2.81 -17.94
C VAL A 113 -14.28 1.82 -18.74
N LEU A 114 -14.81 0.80 -18.07
CA LEU A 114 -15.64 -0.20 -18.74
C LEU A 114 -16.82 0.48 -19.44
N GLU A 115 -17.42 1.48 -18.78
CA GLU A 115 -18.56 2.15 -19.36
C GLU A 115 -18.23 2.75 -20.72
N THR A 116 -17.02 3.28 -20.89
CA THR A 116 -16.66 3.87 -22.16
C THR A 116 -16.55 2.84 -23.27
N LEU A 117 -16.42 1.55 -22.91
CA LEU A 117 -16.22 0.49 -23.87
C LEU A 117 -17.51 -0.19 -24.27
N GLY A 118 -18.63 0.15 -23.64
CA GLY A 118 -19.82 -0.64 -23.76
C GLY A 118 -19.96 -1.73 -22.72
N GLY A 119 -19.35 -1.56 -21.55
CA GLY A 119 -19.52 -2.50 -20.47
C GLY A 119 -18.71 -3.77 -20.67
N PRO A 120 -18.93 -4.74 -19.79
CA PRO A 120 -18.22 -6.03 -19.92
C PRO A 120 -18.39 -6.65 -21.29
N GLU A 121 -19.59 -6.53 -21.89
CA GLU A 121 -19.84 -7.06 -23.22
C GLU A 121 -18.91 -6.41 -24.24
N GLY A 122 -18.69 -5.09 -24.11
CA GLY A 122 -17.81 -4.41 -25.04
C GLY A 122 -16.36 -4.79 -24.85
N LEU A 123 -15.93 -4.97 -23.60
CA LEU A 123 -14.55 -5.41 -23.39
C LEU A 123 -14.35 -6.81 -23.98
N THR A 124 -15.30 -7.72 -23.74
CA THR A 124 -15.20 -9.06 -24.31
C THR A 124 -15.13 -9.00 -25.83
N ALA A 125 -15.93 -8.14 -26.46
CA ALA A 125 -15.85 -8.03 -27.91
C ALA A 125 -14.48 -7.54 -28.37
N PHE A 126 -13.86 -6.63 -27.61
CA PHE A 126 -12.51 -6.20 -27.96
C PHE A 126 -11.52 -7.36 -27.87
N LEU A 127 -11.65 -8.19 -26.84
CA LEU A 127 -10.75 -9.33 -26.70
C LEU A 127 -10.88 -10.27 -27.89
N ARG A 128 -12.09 -10.44 -28.41
CA ARG A 128 -12.28 -11.32 -29.57
C ARG A 128 -11.55 -10.77 -30.80
N THR A 129 -11.48 -9.43 -30.94
CA THR A 129 -10.74 -8.86 -32.06
C THR A 129 -9.25 -9.13 -31.94
N LEU A 130 -8.75 -9.35 -30.73
CA LEU A 130 -7.36 -9.73 -30.51
C LEU A 130 -7.12 -11.21 -30.72
N GLY A 131 -8.15 -11.98 -31.09
CA GLY A 131 -7.97 -13.40 -31.23
C GLY A 131 -8.11 -14.18 -29.95
N ASP A 132 -8.52 -13.53 -28.85
CA ASP A 132 -8.78 -14.21 -27.59
C ASP A 132 -10.23 -14.71 -27.62
N GLN A 133 -10.41 -16.01 -27.81
CA GLN A 133 -11.74 -16.62 -27.86
C GLN A 133 -12.19 -17.18 -26.52
N VAL A 134 -11.41 -16.96 -25.46
CA VAL A 134 -11.58 -17.63 -24.18
C VAL A 134 -11.98 -16.65 -23.08
N THR A 135 -11.22 -15.57 -22.93
CA THR A 135 -11.46 -14.63 -21.85
C THR A 135 -12.83 -13.97 -22.00
N ARG A 136 -13.50 -13.76 -20.88
CA ARG A 136 -14.83 -13.16 -20.89
C ARG A 136 -15.01 -12.33 -19.62
N LEU A 137 -15.46 -11.10 -19.79
CA LEU A 137 -15.96 -10.31 -18.67
C LEU A 137 -17.46 -10.19 -18.81
N ASP A 138 -18.16 -10.48 -17.72
CA ASP A 138 -19.61 -10.52 -17.71
C ASP A 138 -20.25 -9.53 -16.75
N ARG A 139 -19.61 -9.25 -15.62
CA ARG A 139 -20.16 -8.39 -14.59
C ARG A 139 -19.22 -7.21 -14.33
N TRP A 140 -19.74 -6.24 -13.57
CA TRP A 140 -19.00 -5.05 -13.19
C TRP A 140 -18.34 -5.25 -11.83
N GLU A 141 -17.52 -4.28 -11.42
CA GLU A 141 -17.07 -4.29 -10.03
C GLU A 141 -18.26 -3.95 -9.14
N THR A 142 -18.35 -4.63 -8.00
CA THR A 142 -17.45 -5.66 -7.47
C THR A 142 -17.97 -7.09 -7.63
N ALA A 143 -19.11 -7.26 -8.30
CA ALA A 143 -19.68 -8.59 -8.44
C ALA A 143 -18.78 -9.54 -9.22
N LEU A 144 -17.92 -9.01 -10.09
CA LEU A 144 -17.08 -9.88 -10.91
C LEU A 144 -16.05 -10.67 -10.08
N ASN A 145 -15.90 -10.34 -8.80
CA ASN A 145 -14.95 -11.03 -7.94
C ASN A 145 -15.55 -12.24 -7.22
N GLU A 146 -16.83 -12.56 -7.46
CA GLU A 146 -17.52 -13.58 -6.67
C GLU A 146 -16.81 -14.92 -6.69
N ALA A 147 -16.35 -15.36 -7.87
CA ALA A 147 -15.46 -16.52 -8.00
C ALA A 147 -16.11 -17.83 -7.50
N THR A 148 -17.41 -17.98 -7.74
CA THR A 148 -18.07 -19.23 -7.42
C THR A 148 -17.45 -20.37 -8.24
N PRO A 149 -17.01 -21.46 -7.62
CA PRO A 149 -16.44 -22.57 -8.40
C PRO A 149 -17.43 -23.08 -9.43
N GLY A 150 -16.93 -23.32 -10.64
CA GLY A 150 -17.76 -23.76 -11.74
C GLY A 150 -18.39 -22.65 -12.54
N ASP A 151 -18.40 -21.42 -12.02
CA ASP A 151 -18.92 -20.25 -12.72
C ASP A 151 -17.87 -19.72 -13.69
N GLU A 152 -18.18 -19.73 -14.98
CA GLU A 152 -17.23 -19.30 -15.98
C GLU A 152 -17.31 -17.82 -16.29
N ARG A 153 -18.27 -17.12 -15.70
CA ARG A 153 -18.32 -15.67 -15.84
C ARG A 153 -17.03 -15.04 -15.31
N ASP A 154 -16.56 -14.00 -15.99
CA ASP A 154 -15.43 -13.18 -15.52
C ASP A 154 -14.14 -13.99 -15.35
N THR A 155 -13.92 -14.95 -16.24
CA THR A 155 -12.74 -15.79 -16.16
C THR A 155 -11.84 -15.65 -17.38
N THR A 156 -10.59 -16.08 -17.19
CA THR A 156 -9.64 -16.26 -18.28
C THR A 156 -8.94 -17.60 -18.04
N THR A 157 -8.04 -17.96 -18.94
CA THR A 157 -7.09 -19.02 -18.64
C THR A 157 -5.69 -18.44 -18.64
N PRO A 158 -4.74 -19.05 -17.94
CA PRO A 158 -3.39 -18.46 -17.96
C PRO A 158 -2.82 -18.36 -19.35
N ALA A 159 -3.10 -19.36 -20.20
CA ALA A 159 -2.60 -19.30 -21.58
C ALA A 159 -3.26 -18.18 -22.38
N ALA A 160 -4.58 -18.03 -22.26
CA ALA A 160 -5.28 -17.00 -23.02
C ALA A 160 -4.85 -15.61 -22.56
N MET A 161 -4.82 -15.40 -21.25
CA MET A 161 -4.41 -14.11 -20.72
C MET A 161 -2.98 -13.76 -21.12
N ALA A 162 -2.06 -14.74 -21.07
CA ALA A 162 -0.69 -14.45 -21.44
C ALA A 162 -0.60 -14.03 -22.91
N ALA A 163 -1.33 -14.74 -23.79
CA ALA A 163 -1.28 -14.39 -25.20
C ALA A 163 -1.88 -13.01 -25.46
N THR A 164 -2.98 -12.68 -24.79
CA THR A 164 -3.59 -11.37 -24.98
C THR A 164 -2.70 -10.24 -24.47
N LEU A 165 -2.04 -10.46 -23.33
CA LEU A 165 -1.15 -9.44 -22.77
C LEU A 165 0.06 -9.23 -23.65
N ARG A 166 0.58 -10.30 -24.25
CA ARG A 166 1.69 -10.13 -25.18
C ARG A 166 1.30 -9.18 -26.30
N LYS A 167 0.12 -9.39 -26.91
CA LYS A 167 -0.30 -8.52 -28.00
C LYS A 167 -0.42 -7.08 -27.54
N LEU A 168 -0.95 -6.85 -26.34
CA LEU A 168 -1.12 -5.48 -25.85
C LEU A 168 0.20 -4.84 -25.46
N LEU A 169 1.07 -5.58 -24.76
CA LEU A 169 2.21 -4.95 -24.12
C LEU A 169 3.47 -4.94 -24.97
N THR A 170 3.71 -5.99 -25.77
CA THR A 170 4.87 -6.00 -26.64
C THR A 170 4.53 -6.15 -28.11
N GLY A 171 3.33 -6.61 -28.44
CA GLY A 171 2.87 -6.72 -29.81
C GLY A 171 2.39 -5.39 -30.34
N ASP A 172 1.57 -5.45 -31.38
CA ASP A 172 1.19 -4.23 -32.08
C ASP A 172 -0.30 -3.94 -31.99
N ALA A 173 -0.98 -4.48 -30.97
CA ALA A 173 -2.36 -4.10 -30.73
C ALA A 173 -2.50 -2.61 -30.49
N LEU A 174 -1.47 -2.00 -29.89
CA LEU A 174 -1.45 -0.58 -29.56
C LEU A 174 -0.29 0.11 -30.28
N SER A 175 -0.47 1.41 -30.50
CA SER A 175 0.62 2.23 -30.99
C SER A 175 1.77 2.24 -29.97
N PRO A 176 3.00 2.57 -30.42
CA PRO A 176 4.13 2.53 -29.46
C PRO A 176 3.94 3.44 -28.26
N ALA A 177 3.45 4.67 -28.44
CA ALA A 177 3.23 5.51 -27.27
C ALA A 177 2.09 4.98 -26.41
N SER A 178 1.05 4.43 -27.02
CA SER A 178 -0.08 3.91 -26.23
C SER A 178 0.34 2.66 -25.47
N ARG A 179 1.08 1.78 -26.13
CA ARG A 179 1.60 0.59 -25.47
C ARG A 179 2.52 0.99 -24.31
N GLN A 180 3.37 2.00 -24.52
CA GLN A 180 4.23 2.44 -23.42
C GLN A 180 3.42 3.07 -22.30
N GLN A 181 2.29 3.71 -22.61
CA GLN A 181 1.46 4.28 -21.55
C GLN A 181 0.86 3.20 -20.69
N LEU A 182 0.39 2.12 -21.31
CA LEU A 182 -0.12 0.98 -20.54
C LEU A 182 0.98 0.39 -19.67
N ILE A 183 2.17 0.21 -20.24
CA ILE A 183 3.31 -0.26 -19.45
C ILE A 183 3.62 0.69 -18.29
N ASP A 184 3.59 1.99 -18.54
CA ASP A 184 3.93 2.96 -17.49
C ASP A 184 2.96 2.81 -16.32
N TRP A 185 1.66 2.69 -16.61
CA TRP A 185 0.70 2.54 -15.54
C TRP A 185 0.97 1.27 -14.74
N MET A 186 1.25 0.17 -15.44
CA MET A 186 1.49 -1.11 -14.77
C MET A 186 2.81 -1.07 -13.99
N GLU A 187 3.82 -0.35 -14.50
CA GLU A 187 5.06 -0.20 -13.74
C GLU A 187 4.81 0.52 -12.43
N ALA A 188 3.83 1.42 -12.42
CA ALA A 188 3.49 2.23 -11.25
C ALA A 188 2.51 1.55 -10.30
N ASP A 189 2.19 0.28 -10.53
CA ASP A 189 1.35 -0.50 -9.63
C ASP A 189 1.76 -0.31 -8.18
N LYS A 190 0.82 0.14 -7.34
CA LYS A 190 1.10 0.43 -5.95
C LYS A 190 0.64 -0.68 -5.00
N VAL A 191 -0.04 -1.72 -5.50
CA VAL A 191 -0.69 -2.66 -4.58
C VAL A 191 -0.27 -4.11 -4.82
N ALA A 192 0.89 -4.32 -5.40
CA ALA A 192 1.39 -5.69 -5.65
C ALA A 192 2.75 -5.94 -5.00
N GLY A 193 3.08 -5.17 -3.96
CA GLY A 193 4.34 -5.28 -3.27
C GLY A 193 4.74 -6.69 -2.89
N PRO A 194 3.86 -7.44 -2.21
CA PRO A 194 4.27 -8.77 -1.75
C PRO A 194 4.17 -9.88 -2.79
N LEU A 195 3.98 -9.58 -4.07
CA LEU A 195 3.79 -10.60 -5.08
C LEU A 195 5.07 -10.74 -5.91
N LEU A 196 5.04 -10.66 -7.24
CA LEU A 196 6.25 -10.85 -8.04
C LEU A 196 7.33 -9.83 -7.70
N ARG A 197 6.95 -8.60 -7.35
CA ARG A 197 7.95 -7.59 -7.09
C ARG A 197 8.88 -7.97 -5.94
N SER A 198 8.38 -8.79 -5.00
CA SER A 198 9.22 -9.17 -3.86
C SER A 198 10.35 -10.10 -4.28
N ALA A 199 10.21 -10.75 -5.43
CA ALA A 199 11.20 -11.70 -5.91
C ALA A 199 12.09 -11.12 -7.00
N LEU A 200 11.84 -9.90 -7.42
CA LEU A 200 12.44 -9.37 -8.62
C LEU A 200 13.90 -8.96 -8.37
N PRO A 201 14.83 -9.36 -9.22
CA PRO A 201 16.22 -8.91 -9.05
C PRO A 201 16.35 -7.41 -9.23
N ALA A 202 17.32 -6.83 -8.51
CA ALA A 202 17.60 -5.41 -8.58
C ALA A 202 17.76 -4.93 -10.01
N GLY A 203 17.03 -3.86 -10.37
CA GLY A 203 17.19 -3.23 -11.66
C GLY A 203 16.37 -3.84 -12.76
N TRP A 204 15.70 -4.97 -12.51
CA TRP A 204 14.90 -5.59 -13.54
C TRP A 204 13.63 -4.78 -13.80
N PHE A 205 13.09 -4.99 -14.99
CA PHE A 205 11.83 -4.38 -15.41
C PHE A 205 10.64 -5.21 -14.91
N ILE A 206 9.62 -4.53 -14.39
CA ILE A 206 8.34 -5.22 -14.15
C ILE A 206 7.17 -4.25 -14.32
N ALA A 207 6.16 -4.69 -15.04
CA ALA A 207 4.91 -3.98 -15.18
C ALA A 207 3.83 -4.99 -14.87
N ASP A 208 3.01 -4.74 -13.83
CA ASP A 208 2.09 -5.79 -13.38
C ASP A 208 0.76 -5.22 -12.92
N LYS A 209 -0.14 -6.15 -12.58
CA LYS A 209 -1.45 -5.83 -12.03
C LYS A 209 -1.93 -7.04 -11.25
N SER A 210 -2.31 -6.82 -10.00
CA SER A 210 -2.73 -7.90 -9.13
C SER A 210 -4.26 -8.00 -9.09
N GLY A 211 -4.73 -9.08 -8.49
CA GLY A 211 -6.15 -9.23 -8.22
C GLY A 211 -6.39 -10.06 -6.98
N ALA A 212 -7.51 -9.80 -6.31
CA ALA A 212 -7.97 -10.61 -5.19
C ALA A 212 -9.47 -10.77 -5.31
N GLY A 213 -9.98 -11.92 -4.89
CA GLY A 213 -11.40 -12.16 -5.05
C GLY A 213 -11.99 -13.15 -4.09
N GLY A 214 -13.20 -13.61 -4.40
CA GLY A 214 -13.90 -14.52 -3.51
C GLY A 214 -13.25 -15.89 -3.48
N ARG A 215 -13.62 -16.65 -2.43
CA ARG A 215 -13.15 -18.03 -2.26
C ARG A 215 -11.62 -18.12 -2.32
N GLY A 216 -10.95 -17.11 -1.78
CA GLY A 216 -9.52 -17.12 -1.71
C GLY A 216 -8.81 -16.79 -3.01
N SER A 217 -9.53 -16.29 -4.01
CA SER A 217 -8.87 -16.01 -5.29
C SER A 217 -7.81 -14.92 -5.16
N ARG A 218 -6.71 -15.13 -5.89
CA ARG A 218 -5.58 -14.21 -5.88
C ARG A 218 -4.84 -14.41 -7.20
N GLY A 219 -4.29 -13.34 -7.75
CA GLY A 219 -3.65 -13.51 -9.04
C GLY A 219 -2.81 -12.30 -9.39
N ILE A 220 -2.01 -12.46 -10.44
CA ILE A 220 -1.18 -11.37 -10.95
C ILE A 220 -0.91 -11.62 -12.42
N VAL A 221 -0.88 -10.54 -13.19
CA VAL A 221 -0.40 -10.59 -14.57
C VAL A 221 0.75 -9.61 -14.69
N ALA A 222 1.74 -9.95 -15.51
CA ALA A 222 2.92 -9.10 -15.54
C ALA A 222 3.70 -9.29 -16.82
N ALA A 223 4.45 -8.26 -17.19
CA ALA A 223 5.60 -8.40 -18.07
C ALA A 223 6.84 -8.07 -17.26
N LEU A 224 7.85 -8.93 -17.33
CA LEU A 224 9.04 -8.70 -16.52
C LEU A 224 10.26 -9.33 -17.16
N GLY A 225 11.43 -8.85 -16.78
CA GLY A 225 12.66 -9.37 -17.29
C GLY A 225 13.81 -8.46 -16.99
N PRO A 226 15.02 -8.87 -17.39
CA PRO A 226 16.19 -8.03 -17.15
C PRO A 226 16.10 -6.76 -17.96
N PRO A 227 16.75 -5.68 -17.52
CA PRO A 227 16.62 -4.40 -18.23
C PRO A 227 17.21 -4.46 -19.63
N GLY A 228 16.51 -3.84 -20.57
CA GLY A 228 16.97 -3.77 -21.94
C GLY A 228 16.84 -5.05 -22.74
N LYS A 229 16.13 -6.05 -22.21
CA LYS A 229 15.92 -7.32 -22.87
C LYS A 229 14.43 -7.52 -23.10
N PRO A 230 14.05 -8.31 -24.10
CA PRO A 230 12.62 -8.63 -24.27
C PRO A 230 12.10 -9.33 -23.03
N PRO A 231 10.97 -8.88 -22.50
CA PRO A 231 10.45 -9.46 -21.26
C PRO A 231 9.67 -10.75 -21.53
N ARG A 232 9.23 -11.40 -20.46
CA ARG A 232 8.29 -12.50 -20.57
C ARG A 232 7.00 -12.11 -19.86
N ILE A 233 5.88 -12.58 -20.40
CA ILE A 233 4.59 -12.40 -19.76
C ILE A 233 4.43 -13.49 -18.72
N VAL A 234 4.07 -13.09 -17.51
CA VAL A 234 3.86 -14.02 -16.41
C VAL A 234 2.44 -13.84 -15.91
N VAL A 235 1.67 -14.94 -15.90
CA VAL A 235 0.29 -14.96 -15.43
C VAL A 235 0.19 -16.04 -14.38
N ILE A 236 -0.27 -15.69 -13.18
CA ILE A 236 -0.44 -16.64 -12.08
C ILE A 236 -1.78 -16.40 -11.41
N TYR A 237 -2.61 -17.43 -11.33
CA TYR A 237 -3.87 -17.35 -10.59
C TYR A 237 -3.95 -18.49 -9.59
N LEU A 238 -4.63 -18.24 -8.47
CA LEU A 238 -5.03 -19.33 -7.58
C LEU A 238 -6.41 -19.03 -7.03
N THR A 239 -7.13 -20.08 -6.65
CA THR A 239 -8.48 -19.91 -6.15
C THR A 239 -8.90 -21.15 -5.37
N GLU A 240 -10.12 -21.10 -4.80
CA GLU A 240 -10.72 -22.17 -3.98
C GLU A 240 -9.82 -22.56 -2.80
N THR A 241 -9.56 -21.59 -1.94
CA THR A 241 -8.75 -21.89 -0.78
C THR A 241 -9.22 -21.05 0.41
N GLU A 242 -9.03 -21.61 1.60
CA GLU A 242 -9.26 -20.90 2.85
C GLU A 242 -8.00 -20.22 3.36
N ALA A 243 -6.92 -20.26 2.58
CA ALA A 243 -5.66 -19.69 3.01
C ALA A 243 -5.78 -18.19 3.23
N THR A 244 -4.99 -17.69 4.19
CA THR A 244 -4.99 -16.26 4.49
C THR A 244 -4.40 -15.47 3.32
N MET A 245 -4.64 -14.17 3.34
CA MET A 245 -4.05 -13.27 2.36
C MET A 245 -2.53 -13.40 2.36
N ASP A 246 -1.93 -13.38 3.55
CA ASP A 246 -0.48 -13.53 3.66
C ASP A 246 0.00 -14.81 2.99
N GLU A 247 -0.70 -15.92 3.23
CA GLU A 247 -0.32 -17.20 2.63
C GLU A 247 -0.50 -17.18 1.13
N ARG A 248 -1.57 -16.54 0.65
CA ARG A 248 -1.79 -16.47 -0.79
C ARG A 248 -0.77 -15.57 -1.46
N ASN A 249 -0.42 -14.46 -0.81
CA ASN A 249 0.64 -13.59 -1.32
C ASN A 249 1.96 -14.35 -1.41
N ALA A 250 2.31 -15.07 -0.34
CA ALA A 250 3.57 -15.79 -0.34
C ALA A 250 3.61 -16.86 -1.41
N ALA A 251 2.47 -17.50 -1.69
CA ALA A 251 2.43 -18.53 -2.72
C ALA A 251 2.81 -17.95 -4.07
N ILE A 252 2.19 -16.83 -4.46
CA ILE A 252 2.51 -16.22 -5.75
C ILE A 252 3.96 -15.77 -5.78
N ALA A 253 4.44 -15.17 -4.69
CA ALA A 253 5.83 -14.73 -4.63
C ALA A 253 6.80 -15.91 -4.72
N GLU A 254 6.48 -17.04 -4.10
CA GLU A 254 7.34 -18.22 -4.19
C GLU A 254 7.39 -18.77 -5.61
N ILE A 255 6.26 -18.77 -6.32
CA ILE A 255 6.31 -19.14 -7.72
C ILE A 255 7.19 -18.17 -8.50
N GLY A 256 7.02 -16.87 -8.28
CA GLY A 256 7.89 -15.89 -8.92
C GLY A 256 9.37 -16.14 -8.63
N ALA A 257 9.70 -16.43 -7.37
CA ALA A 257 11.08 -16.68 -7.01
C ALA A 257 11.64 -17.88 -7.78
N ALA A 258 10.83 -18.92 -7.95
CA ALA A 258 11.30 -20.07 -8.71
C ALA A 258 11.50 -19.72 -10.17
N LEU A 259 10.57 -18.96 -10.76
CA LEU A 259 10.72 -18.52 -12.15
C LEU A 259 12.00 -17.70 -12.32
N ILE A 260 12.27 -16.79 -11.39
CA ILE A 260 13.44 -15.93 -11.50
C ILE A 260 14.72 -16.74 -11.39
N LYS A 261 14.72 -17.74 -10.51
CA LYS A 261 15.96 -18.43 -10.19
C LYS A 261 16.56 -19.10 -11.43
N HIS A 262 15.73 -19.56 -12.36
CA HIS A 262 16.20 -20.20 -13.58
C HIS A 262 15.74 -19.46 -14.83
N TRP A 263 15.59 -18.15 -14.74
CA TRP A 263 15.15 -17.31 -15.85
C TRP A 263 15.96 -17.53 -17.12
N PRO B 2 -8.67 -3.16 34.12
CA PRO B 2 -9.36 -1.86 34.06
C PRO B 2 -8.64 -0.73 34.78
N GLU B 3 -7.54 -1.03 35.47
CA GLU B 3 -6.83 0.02 36.20
C GLU B 3 -6.20 1.02 35.26
N THR B 4 -5.64 0.57 34.12
CA THR B 4 -4.99 1.49 33.21
C THR B 4 -5.99 2.50 32.66
N LEU B 5 -7.17 2.03 32.26
CA LEU B 5 -8.19 2.95 31.78
C LEU B 5 -8.56 3.98 32.85
N VAL B 6 -8.64 3.56 34.12
CA VAL B 6 -8.92 4.51 35.19
C VAL B 6 -7.83 5.57 35.26
N THR B 7 -6.56 5.13 35.13
CA THR B 7 -5.44 6.07 35.11
C THR B 7 -5.56 7.04 33.94
N VAL B 8 -5.93 6.52 32.77
CA VAL B 8 -6.02 7.37 31.58
C VAL B 8 -7.08 8.44 31.78
N LYS B 9 -8.24 8.06 32.32
CA LYS B 9 -9.28 9.06 32.55
C LYS B 9 -8.85 10.08 33.61
N ASP B 10 -8.14 9.61 34.64
CA ASP B 10 -7.59 10.51 35.65
C ASP B 10 -6.64 11.52 35.01
N ILE B 11 -5.69 11.04 34.20
CA ILE B 11 -4.71 11.91 33.56
C ILE B 11 -5.39 12.89 32.63
N GLU B 12 -6.35 12.41 31.81
CA GLU B 12 -7.09 13.29 30.92
C GLU B 12 -7.66 14.47 31.69
N SER B 13 -8.26 14.19 32.84
CA SER B 13 -8.90 15.23 33.63
C SER B 13 -7.87 16.11 34.31
N ARG B 14 -6.80 15.52 34.84
CA ARG B 14 -5.73 16.30 35.46
C ARG B 14 -5.11 17.30 34.48
N LEU B 15 -4.97 16.91 33.20
CA LEU B 15 -4.44 17.79 32.17
C LEU B 15 -5.49 18.77 31.63
N GLY B 16 -6.76 18.55 31.93
CA GLY B 16 -7.81 19.30 31.26
C GLY B 16 -7.76 19.10 29.77
N ALA B 17 -7.49 17.87 29.33
CA ALA B 17 -7.22 17.56 27.93
C ALA B 17 -8.31 16.66 27.36
N ARG B 18 -8.14 16.33 26.08
CA ARG B 18 -8.81 15.21 25.45
C ARG B 18 -7.74 14.17 25.17
N VAL B 19 -7.89 12.97 25.71
CA VAL B 19 -6.88 11.91 25.61
C VAL B 19 -7.50 10.70 24.94
N GLY B 20 -6.79 10.13 24.00
CA GLY B 20 -7.22 8.89 23.37
C GLY B 20 -6.07 7.91 23.33
N TYR B 21 -6.39 6.62 23.48
CA TYR B 21 -5.34 5.61 23.36
C TYR B 21 -5.94 4.30 22.89
N ALA B 22 -5.08 3.47 22.34
CA ALA B 22 -5.45 2.11 21.94
C ALA B 22 -4.25 1.22 22.16
N VAL B 23 -4.49 0.01 22.64
CA VAL B 23 -3.43 -1.00 22.77
C VAL B 23 -3.83 -2.19 21.93
N LEU B 24 -3.05 -2.47 20.89
CA LEU B 24 -3.37 -3.52 19.93
C LEU B 24 -2.39 -4.67 20.11
N ASP B 25 -2.91 -5.90 20.17
CA ASP B 25 -2.07 -7.08 20.16
C ASP B 25 -1.64 -7.36 18.73
N THR B 26 -0.33 -7.33 18.45
CA THR B 26 0.10 -7.60 17.08
C THR B 26 -0.17 -9.05 16.67
N ALA B 27 -0.25 -9.97 17.64
CA ALA B 27 -0.47 -11.38 17.30
C ALA B 27 -1.82 -11.60 16.62
N SER B 28 -2.86 -10.90 17.08
CA SER B 28 -4.22 -11.11 16.57
C SER B 28 -4.90 -9.87 16.00
N GLY B 29 -4.37 -8.67 16.25
CA GLY B 29 -5.07 -7.45 15.86
C GLY B 29 -6.09 -6.96 16.86
N LYS B 30 -6.38 -7.73 17.90
CA LYS B 30 -7.39 -7.34 18.89
C LYS B 30 -6.92 -6.13 19.69
N ILE B 31 -7.82 -5.16 19.86
CA ILE B 31 -7.61 -4.03 20.75
C ILE B 31 -8.35 -4.34 22.04
N TRP B 32 -7.62 -4.75 23.08
CA TRP B 32 -8.24 -5.16 24.32
C TRP B 32 -8.55 -3.99 25.24
N GLU B 33 -7.95 -2.83 24.99
CA GLU B 33 -8.25 -1.70 25.85
C GLU B 33 -7.98 -0.42 25.07
N SER B 34 -8.78 0.60 25.37
CA SER B 34 -8.82 1.79 24.55
C SER B 34 -9.76 2.80 25.18
N TYR B 35 -9.65 4.04 24.72
CA TYR B 35 -10.43 5.17 25.23
C TYR B 35 -10.41 6.23 24.14
N ARG B 36 -11.60 6.72 23.76
CA ARG B 36 -11.72 7.66 22.65
C ARG B 36 -10.97 7.16 21.41
N ALA B 37 -10.95 5.84 21.22
CA ALA B 37 -10.17 5.24 20.15
C ALA B 37 -10.76 5.52 18.77
N ASP B 38 -12.02 5.96 18.73
CA ASP B 38 -12.74 6.33 17.52
C ASP B 38 -12.62 7.81 17.19
N GLU B 39 -12.07 8.62 18.11
CA GLU B 39 -12.02 10.06 17.95
C GLU B 39 -10.74 10.46 17.24
N ARG B 40 -10.81 11.60 16.53
CA ARG B 40 -9.70 12.06 15.72
C ARG B 40 -8.74 12.90 16.56
N PHE B 41 -7.44 12.74 16.31
CA PHE B 41 -6.38 13.49 16.96
C PHE B 41 -5.34 13.85 15.91
N PRO B 42 -4.64 14.97 16.06
CA PRO B 42 -3.56 15.30 15.12
C PRO B 42 -2.42 14.30 15.26
N MET B 43 -1.95 13.82 14.10
CA MET B 43 -0.83 12.89 14.07
C MET B 43 0.47 13.56 14.51
N MET B 44 0.65 14.84 14.17
CA MET B 44 1.95 15.49 14.39
C MET B 44 3.07 14.62 13.81
N SER B 45 4.22 14.57 14.48
CA SER B 45 5.33 13.87 13.83
C SER B 45 5.15 12.36 13.79
N THR B 46 4.10 11.80 14.41
CA THR B 46 3.91 10.36 14.25
C THR B 46 3.60 10.01 12.79
N PHE B 47 3.19 10.98 11.97
CA PHE B 47 2.99 10.68 10.54
C PHE B 47 4.27 10.22 9.89
N LYS B 48 5.43 10.56 10.47
CA LYS B 48 6.68 10.27 9.77
C LYS B 48 6.91 8.75 9.67
N VAL B 49 6.38 7.98 10.63
CA VAL B 49 6.42 6.52 10.51
C VAL B 49 5.71 6.08 9.25
N LEU B 50 4.52 6.64 9.01
CA LEU B 50 3.73 6.25 7.85
C LEU B 50 4.40 6.71 6.56
N ALA B 51 4.98 7.90 6.57
CA ALA B 51 5.66 8.41 5.37
C ALA B 51 6.86 7.54 5.02
N CYS B 52 7.64 7.14 6.01
CA CYS B 52 8.79 6.31 5.73
C CYS B 52 8.37 4.90 5.35
N GLY B 53 7.28 4.40 5.94
CA GLY B 53 6.73 3.14 5.49
C GLY B 53 6.27 3.19 4.04
N ALA B 54 5.61 4.29 3.64
CA ALA B 54 5.22 4.44 2.24
C ALA B 54 6.43 4.44 1.33
N LEU B 55 7.50 5.13 1.71
CA LEU B 55 8.69 5.14 0.89
C LEU B 55 9.29 3.74 0.78
N LEU B 56 9.36 3.02 1.89
CA LEU B 56 9.88 1.66 1.86
C LEU B 56 9.04 0.78 0.96
N SER B 57 7.74 1.02 0.91
CA SER B 57 6.88 0.25 0.01
C SER B 57 7.25 0.53 -1.45
N ARG B 58 7.56 1.78 -1.78
CA ARG B 58 8.02 2.09 -3.13
C ARG B 58 9.34 1.39 -3.43
N VAL B 59 10.26 1.39 -2.46
CA VAL B 59 11.52 0.66 -2.61
C VAL B 59 11.26 -0.84 -2.84
N ASP B 60 10.37 -1.44 -2.02
CA ASP B 60 10.00 -2.85 -2.19
C ASP B 60 9.51 -3.12 -3.62
N ALA B 61 8.76 -2.17 -4.19
CA ALA B 61 8.19 -2.31 -5.51
C ALA B 61 9.18 -2.05 -6.63
N GLY B 62 10.42 -1.70 -6.31
CA GLY B 62 11.38 -1.30 -7.34
C GLY B 62 11.12 0.06 -7.95
N GLN B 63 10.34 0.90 -7.28
CA GLN B 63 9.94 2.22 -7.77
C GLN B 63 10.76 3.34 -7.17
N GLU B 64 11.63 3.03 -6.21
CA GLU B 64 12.42 4.02 -5.49
C GLU B 64 13.68 3.33 -5.02
N GLN B 65 14.74 4.12 -4.81
CA GLN B 65 15.99 3.58 -4.29
C GLN B 65 16.43 4.38 -3.08
N LEU B 66 16.81 3.66 -2.03
CA LEU B 66 17.18 4.31 -0.77
C LEU B 66 18.41 5.19 -0.94
N ASP B 67 19.30 4.84 -1.87
CA ASP B 67 20.52 5.61 -2.06
C ASP B 67 20.36 6.81 -3.00
N ARG B 68 19.16 7.06 -3.55
CA ARG B 68 19.00 8.19 -4.45
C ARG B 68 19.24 9.49 -3.71
N ARG B 69 20.05 10.37 -4.29
CA ARG B 69 20.41 11.63 -3.66
C ARG B 69 19.35 12.70 -3.95
N ILE B 70 18.91 13.39 -2.90
CA ILE B 70 17.94 14.48 -2.99
C ILE B 70 18.66 15.77 -2.69
N ARG B 71 18.64 16.70 -3.64
CA ARG B 71 19.15 18.05 -3.45
C ARG B 71 18.00 19.00 -3.16
N PHE B 72 18.21 19.90 -2.21
CA PHE B 72 17.20 20.85 -1.82
C PHE B 72 17.89 22.16 -1.50
N ARG B 73 17.09 23.20 -1.25
CA ARG B 73 17.58 24.57 -1.09
C ARG B 73 17.05 25.15 0.22
N GLN B 74 17.61 26.29 0.62
CA GLN B 74 17.18 26.87 1.89
C GLN B 74 15.69 27.17 1.88
N SER B 75 15.15 27.60 0.73
CA SER B 75 13.73 27.91 0.64
C SER B 75 12.84 26.70 0.85
N ASP B 76 13.40 25.48 0.82
CA ASP B 76 12.66 24.27 1.14
C ASP B 76 12.57 24.01 2.64
N LEU B 77 13.38 24.70 3.45
CA LEU B 77 13.49 24.35 4.86
C LEU B 77 12.31 24.87 5.66
N VAL B 78 11.87 24.07 6.62
CA VAL B 78 10.91 24.48 7.63
C VAL B 78 11.57 24.33 8.99
N THR B 79 10.94 24.91 10.01
CA THR B 79 11.59 24.94 11.32
C THR B 79 11.80 23.53 11.86
N TYR B 80 12.77 23.44 12.78
CA TYR B 80 13.33 22.20 13.32
C TYR B 80 13.76 21.24 12.21
N SER B 81 14.88 21.57 11.60
CA SER B 81 15.49 20.76 10.55
C SER B 81 16.97 20.62 10.85
N PRO B 82 17.31 19.97 11.98
CA PRO B 82 18.71 19.99 12.44
C PRO B 82 19.67 19.29 11.51
N VAL B 83 19.23 18.21 10.87
CA VAL B 83 20.11 17.48 9.97
C VAL B 83 20.06 18.05 8.56
N THR B 84 18.85 18.22 8.01
CA THR B 84 18.76 18.66 6.62
C THR B 84 19.34 20.05 6.41
N GLU B 85 19.23 20.94 7.40
CA GLU B 85 19.76 22.28 7.16
C GLU B 85 21.28 22.31 7.06
N LYS B 86 21.96 21.22 7.39
CA LYS B 86 23.41 21.14 7.21
C LYS B 86 23.80 20.50 5.89
N HIS B 87 22.81 20.18 5.03
CA HIS B 87 23.13 19.50 3.79
C HIS B 87 22.56 20.24 2.59
N LEU B 88 22.55 21.57 2.65
CA LEU B 88 22.09 22.34 1.50
C LEU B 88 23.03 22.23 0.31
N ASP B 89 24.30 21.90 0.54
CA ASP B 89 25.26 21.88 -0.56
C ASP B 89 25.42 20.51 -1.17
N ASP B 90 25.19 19.43 -0.41
CA ASP B 90 25.38 18.08 -0.94
C ASP B 90 24.12 17.22 -0.90
N GLY B 91 23.02 17.71 -0.34
CA GLY B 91 21.82 16.91 -0.21
C GLY B 91 21.97 15.71 0.72
N MET B 92 20.96 14.85 0.69
CA MET B 92 21.00 13.60 1.43
C MET B 92 20.29 12.53 0.64
N THR B 93 20.63 11.27 0.92
CA THR B 93 19.92 10.18 0.29
C THR B 93 18.57 9.97 0.96
N LEU B 94 17.71 9.23 0.29
CA LEU B 94 16.40 8.94 0.85
C LEU B 94 16.52 8.13 2.14
N ALA B 95 17.48 7.21 2.20
CA ALA B 95 17.72 6.50 3.47
C ALA B 95 18.08 7.49 4.58
N GLU B 96 19.02 8.40 4.29
CA GLU B 96 19.44 9.39 5.29
C GLU B 96 18.27 10.28 5.70
N LEU B 97 17.42 10.62 4.74
CA LEU B 97 16.25 11.46 5.07
C LEU B 97 15.25 10.70 5.94
N CYS B 98 14.98 9.44 5.60
CA CYS B 98 14.10 8.63 6.45
C CYS B 98 14.68 8.53 7.86
N GLU B 99 15.98 8.25 7.95
CA GLU B 99 16.61 8.12 9.26
C GLU B 99 16.55 9.44 10.03
N ALA B 100 16.73 10.58 9.35
CA ALA B 100 16.60 11.86 10.05
C ALA B 100 15.17 12.13 10.47
N ALA B 101 14.19 11.75 9.63
CA ALA B 101 12.78 11.99 9.97
C ALA B 101 12.36 11.18 11.18
N ILE B 102 12.83 9.93 11.29
CA ILE B 102 12.40 9.09 12.39
C ILE B 102 13.26 9.28 13.63
N THR B 103 14.59 9.25 13.50
CA THR B 103 15.43 9.26 14.71
C THR B 103 15.55 10.65 15.30
N MET B 104 15.46 11.70 14.47
CA MET B 104 15.59 13.05 14.98
C MET B 104 14.32 13.87 14.83
N SER B 105 13.32 13.36 14.11
CA SER B 105 12.08 14.09 13.81
C SER B 105 12.33 15.32 12.97
N ASP B 106 13.41 15.32 12.18
CA ASP B 106 13.71 16.43 11.26
C ASP B 106 12.52 16.75 10.37
N ASN B 107 12.05 18.00 10.40
CA ASN B 107 10.80 18.32 9.73
C ASN B 107 10.95 18.41 8.21
N THR B 108 12.01 19.06 7.73
CA THR B 108 12.23 19.09 6.29
C THR B 108 12.47 17.67 5.77
N ALA B 109 13.14 16.82 6.54
CA ALA B 109 13.33 15.45 6.10
C ALA B 109 11.98 14.78 5.84
N GLY B 110 11.03 14.98 6.74
CA GLY B 110 9.71 14.43 6.51
C GLY B 110 9.04 14.98 5.27
N ASN B 111 9.19 16.29 5.02
CA ASN B 111 8.62 16.87 3.82
C ASN B 111 9.27 16.29 2.57
N LEU B 112 10.59 16.10 2.59
CA LEU B 112 11.26 15.60 1.39
C LEU B 112 10.87 14.15 1.12
N VAL B 113 10.67 13.35 2.16
CA VAL B 113 10.15 12.01 1.97
C VAL B 113 8.73 12.07 1.41
N LEU B 114 7.91 12.97 1.95
CA LEU B 114 6.54 13.12 1.47
C LEU B 114 6.53 13.47 -0.01
N GLU B 115 7.46 14.31 -0.44
CA GLU B 115 7.48 14.76 -1.82
C GLU B 115 7.64 13.59 -2.78
N THR B 116 8.45 12.60 -2.41
CA THR B 116 8.64 11.46 -3.29
C THR B 116 7.37 10.63 -3.43
N LEU B 117 6.40 10.80 -2.53
CA LEU B 117 5.18 10.01 -2.54
C LEU B 117 4.06 10.69 -3.30
N GLY B 118 4.28 11.91 -3.77
CA GLY B 118 3.19 12.72 -4.25
C GLY B 118 2.56 13.58 -3.17
N GLY B 119 3.29 13.87 -2.11
CA GLY B 119 2.83 14.78 -1.09
C GLY B 119 1.86 14.13 -0.13
N PRO B 120 1.24 14.94 0.74
CA PRO B 120 0.25 14.40 1.68
C PRO B 120 -0.83 13.56 1.02
N GLU B 121 -1.29 13.97 -0.17
CA GLU B 121 -2.26 13.16 -0.92
C GLU B 121 -1.69 11.80 -1.28
N GLY B 122 -0.40 11.74 -1.63
CA GLY B 122 0.21 10.45 -1.94
C GLY B 122 0.34 9.54 -0.74
N LEU B 123 0.69 10.12 0.41
CA LEU B 123 0.74 9.31 1.62
C LEU B 123 -0.64 8.79 1.98
N THR B 124 -1.66 9.65 1.88
CA THR B 124 -3.01 9.20 2.20
C THR B 124 -3.46 8.07 1.26
N ALA B 125 -3.12 8.17 -0.03
CA ALA B 125 -3.43 7.07 -0.95
C ALA B 125 -2.76 5.79 -0.51
N PHE B 126 -1.49 5.86 -0.08
CA PHE B 126 -0.83 4.66 0.42
C PHE B 126 -1.61 4.06 1.59
N LEU B 127 -2.07 4.91 2.52
CA LEU B 127 -2.85 4.40 3.64
C LEU B 127 -4.11 3.71 3.16
N ARG B 128 -4.74 4.23 2.11
CA ARG B 128 -5.93 3.55 1.57
C ARG B 128 -5.59 2.15 1.08
N THR B 129 -4.38 1.94 0.54
CA THR B 129 -4.05 0.60 0.07
C THR B 129 -3.82 -0.36 1.24
N LEU B 130 -3.61 0.16 2.44
CA LEU B 130 -3.55 -0.68 3.64
C LEU B 130 -4.92 -0.88 4.28
N GLY B 131 -6.00 -0.40 3.65
CA GLY B 131 -7.31 -0.52 4.22
C GLY B 131 -7.67 0.52 5.25
N ASP B 132 -6.83 1.54 5.43
CA ASP B 132 -7.11 2.60 6.39
C ASP B 132 -7.85 3.70 5.65
N GLN B 133 -9.16 3.80 5.90
CA GLN B 133 -10.01 4.81 5.28
C GLN B 133 -10.27 5.98 6.23
N VAL B 134 -9.55 6.04 7.35
CA VAL B 134 -9.77 7.03 8.39
C VAL B 134 -8.66 8.07 8.42
N THR B 135 -7.41 7.61 8.51
CA THR B 135 -6.27 8.52 8.61
C THR B 135 -6.12 9.35 7.34
N ARG B 136 -5.71 10.60 7.51
CA ARG B 136 -5.51 11.48 6.36
C ARG B 136 -4.39 12.46 6.68
N LEU B 137 -3.48 12.65 5.74
CA LEU B 137 -2.56 13.78 5.80
C LEU B 137 -2.93 14.74 4.68
N ASP B 138 -2.94 16.03 5.02
CA ASP B 138 -3.45 17.06 4.12
C ASP B 138 -2.41 18.16 3.91
N ARG B 139 -1.63 18.45 4.94
CA ARG B 139 -0.65 19.52 4.86
C ARG B 139 0.76 18.97 5.07
N TRP B 140 1.73 19.85 4.88
CA TRP B 140 3.15 19.54 5.08
C TRP B 140 3.60 20.01 6.46
N GLU B 141 4.83 19.65 6.84
CA GLU B 141 5.44 20.34 7.98
C GLU B 141 5.66 21.79 7.60
N THR B 142 5.41 22.70 8.54
CA THR B 142 4.95 22.47 9.92
C THR B 142 3.46 22.73 10.10
N ALA B 143 2.78 23.16 9.03
CA ALA B 143 1.35 23.51 9.17
C ALA B 143 0.51 22.34 9.63
N LEU B 144 0.92 21.10 9.36
CA LEU B 144 0.11 19.97 9.77
C LEU B 144 -0.04 19.84 11.29
N ASN B 145 0.74 20.61 12.06
CA ASN B 145 0.65 20.53 13.52
C ASN B 145 -0.37 21.48 14.13
N GLU B 146 -1.16 22.18 13.31
CA GLU B 146 -2.00 23.25 13.83
C GLU B 146 -2.99 22.75 14.87
N ALA B 147 -3.62 21.59 14.63
CA ALA B 147 -4.44 20.90 15.64
C ALA B 147 -5.69 21.68 16.02
N THR B 148 -6.29 22.41 15.09
CA THR B 148 -7.52 23.13 15.40
C THR B 148 -8.62 22.14 15.79
N PRO B 149 -9.30 22.35 16.92
CA PRO B 149 -10.38 21.44 17.31
C PRO B 149 -11.45 21.38 16.23
N GLY B 150 -11.87 20.15 15.87
CA GLY B 150 -12.88 19.95 14.85
C GLY B 150 -12.35 19.89 13.44
N ASP B 151 -11.09 20.23 13.24
CA ASP B 151 -10.46 20.16 11.94
C ASP B 151 -9.95 18.74 11.72
N GLU B 152 -10.50 18.06 10.71
CA GLU B 152 -10.13 16.67 10.45
C GLU B 152 -8.85 16.52 9.65
N ARG B 153 -8.27 17.61 9.14
CA ARG B 153 -7.02 17.52 8.40
C ARG B 153 -5.91 16.97 9.28
N ASP B 154 -5.08 16.10 8.69
CA ASP B 154 -3.85 15.63 9.34
C ASP B 154 -4.15 14.87 10.62
N THR B 155 -5.26 14.13 10.64
CA THR B 155 -5.64 13.40 11.84
C THR B 155 -5.67 11.90 11.58
N THR B 156 -5.63 11.16 12.69
CA THR B 156 -5.89 9.73 12.73
C THR B 156 -6.79 9.47 13.93
N THR B 157 -7.15 8.21 14.14
CA THR B 157 -7.75 7.80 15.39
C THR B 157 -6.83 6.79 16.05
N PRO B 158 -6.91 6.63 17.37
CA PRO B 158 -6.06 5.60 18.00
C PRO B 158 -6.27 4.22 17.40
N ALA B 159 -7.52 3.84 17.14
CA ALA B 159 -7.78 2.51 16.61
C ALA B 159 -7.26 2.35 15.19
N ALA B 160 -7.50 3.34 14.33
CA ALA B 160 -7.08 3.21 12.94
C ALA B 160 -5.56 3.23 12.85
N MET B 161 -4.91 4.15 13.58
CA MET B 161 -3.45 4.19 13.59
C MET B 161 -2.88 2.88 14.09
N ALA B 162 -3.50 2.28 15.12
CA ALA B 162 -2.98 1.03 15.64
C ALA B 162 -3.09 -0.08 14.61
N ALA B 163 -4.23 -0.18 13.92
CA ALA B 163 -4.36 -1.18 12.88
C ALA B 163 -3.37 -0.94 11.74
N THR B 164 -3.20 0.31 11.33
CA THR B 164 -2.27 0.61 10.25
C THR B 164 -0.84 0.26 10.66
N LEU B 165 -0.47 0.56 11.89
CA LEU B 165 0.87 0.25 12.37
C LEU B 165 1.09 -1.26 12.42
N ARG B 166 0.04 -2.02 12.76
CA ARG B 166 0.16 -3.47 12.68
C ARG B 166 0.55 -3.91 11.28
N LYS B 167 -0.15 -3.40 10.25
CA LYS B 167 0.15 -3.84 8.90
C LYS B 167 1.58 -3.46 8.51
N LEU B 168 2.04 -2.30 8.97
CA LEU B 168 3.38 -1.83 8.61
C LEU B 168 4.48 -2.57 9.37
N LEU B 169 4.30 -2.75 10.66
CA LEU B 169 5.39 -3.21 11.52
C LEU B 169 5.42 -4.72 11.71
N THR B 170 4.28 -5.39 11.65
CA THR B 170 4.27 -6.85 11.79
C THR B 170 3.54 -7.57 10.66
N GLY B 171 2.70 -6.89 9.90
CA GLY B 171 1.97 -7.50 8.81
C GLY B 171 2.74 -7.48 7.51
N ASP B 172 1.99 -7.51 6.40
CA ASP B 172 2.50 -7.81 5.07
C ASP B 172 2.65 -6.57 4.19
N ALA B 173 2.41 -5.36 4.74
CA ALA B 173 2.50 -4.15 3.93
C ALA B 173 3.91 -3.94 3.37
N LEU B 174 4.93 -4.36 4.11
CA LEU B 174 6.32 -4.23 3.69
C LEU B 174 6.95 -5.60 3.64
N SER B 175 8.00 -5.73 2.84
CA SER B 175 8.80 -6.93 2.87
C SER B 175 9.38 -7.12 4.26
N PRO B 176 9.72 -8.35 4.64
CA PRO B 176 10.38 -8.54 5.95
C PRO B 176 11.61 -7.66 6.13
N ALA B 177 12.39 -7.45 5.07
CA ALA B 177 13.59 -6.62 5.20
C ALA B 177 13.27 -5.14 5.40
N SER B 178 12.29 -4.63 4.63
CA SER B 178 11.94 -3.22 4.78
C SER B 178 11.21 -2.97 6.09
N ARG B 179 10.37 -3.92 6.50
CA ARG B 179 9.73 -3.87 7.81
C ARG B 179 10.79 -3.75 8.92
N GLN B 180 11.86 -4.53 8.82
CA GLN B 180 12.90 -4.47 9.84
C GLN B 180 13.63 -3.13 9.80
N GLN B 181 13.84 -2.57 8.60
CA GLN B 181 14.50 -1.27 8.52
C GLN B 181 13.65 -0.20 9.19
N LEU B 182 12.32 -0.26 9.00
CA LEU B 182 11.45 0.71 9.67
C LEU B 182 11.54 0.55 11.19
N ILE B 183 11.51 -0.71 11.65
CA ILE B 183 11.66 -0.99 13.07
C ILE B 183 13.01 -0.50 13.59
N ASP B 184 14.08 -0.73 12.81
CA ASP B 184 15.42 -0.29 13.22
C ASP B 184 15.47 1.21 13.42
N TRP B 185 14.90 1.98 12.50
CA TRP B 185 14.87 3.43 12.65
C TRP B 185 14.11 3.84 13.89
N MET B 186 12.95 3.21 14.11
CA MET B 186 12.10 3.53 15.25
C MET B 186 12.75 3.12 16.58
N GLU B 187 13.46 1.99 16.60
CA GLU B 187 14.22 1.65 17.81
C GLU B 187 15.26 2.70 18.11
N ALA B 188 15.79 3.36 17.08
CA ALA B 188 16.86 4.35 17.20
C ALA B 188 16.34 5.78 17.44
N ASP B 189 15.03 5.92 17.69
CA ASP B 189 14.42 7.19 18.03
C ASP B 189 15.17 7.88 19.17
N LYS B 190 15.66 9.10 18.91
CA LYS B 190 16.45 9.83 19.89
C LYS B 190 15.63 10.80 20.72
N VAL B 191 14.39 11.08 20.33
CA VAL B 191 13.68 12.22 20.90
C VAL B 191 12.33 11.83 21.52
N ALA B 192 12.26 10.63 22.13
CA ALA B 192 11.09 10.23 22.90
C ALA B 192 11.46 9.70 24.30
N GLY B 193 12.64 10.05 24.80
CA GLY B 193 13.10 9.54 26.08
C GLY B 193 12.14 9.72 27.25
N PRO B 194 11.54 10.92 27.39
CA PRO B 194 10.67 11.15 28.55
C PRO B 194 9.32 10.46 28.48
N LEU B 195 9.04 9.71 27.42
CA LEU B 195 7.69 9.18 27.26
C LEU B 195 7.63 7.71 27.63
N LEU B 196 7.21 6.83 26.71
CA LEU B 196 7.10 5.42 27.07
C LEU B 196 8.44 4.82 27.49
N ARG B 197 9.53 5.28 26.89
CA ARG B 197 10.86 4.75 27.21
C ARG B 197 11.24 4.97 28.67
N SER B 198 10.74 6.04 29.28
CA SER B 198 11.08 6.29 30.68
C SER B 198 10.40 5.30 31.63
N ALA B 199 9.37 4.61 31.17
CA ALA B 199 8.66 3.60 31.95
C ALA B 199 9.02 2.18 31.57
N LEU B 200 9.88 1.99 30.57
CA LEU B 200 10.14 0.68 29.98
C LEU B 200 11.12 -0.10 30.83
N PRO B 201 10.79 -1.33 31.24
CA PRO B 201 11.75 -2.12 32.02
C PRO B 201 12.98 -2.45 31.20
N ALA B 202 14.11 -2.63 31.89
CA ALA B 202 15.36 -2.96 31.22
C ALA B 202 15.21 -4.21 30.38
N GLY B 203 15.78 -4.19 29.18
CA GLY B 203 15.78 -5.34 28.30
C GLY B 203 14.60 -5.43 27.37
N TRP B 204 13.55 -4.66 27.60
CA TRP B 204 12.37 -4.73 26.74
C TRP B 204 12.65 -4.08 25.39
N PHE B 205 11.89 -4.51 24.39
CA PHE B 205 11.92 -3.97 23.04
C PHE B 205 11.00 -2.76 22.97
N ILE B 206 11.45 -1.69 22.31
CA ILE B 206 10.55 -0.60 21.93
C ILE B 206 11.01 0.02 20.62
N ALA B 207 10.06 0.25 19.74
CA ALA B 207 10.26 0.98 18.49
C ALA B 207 9.18 2.04 18.47
N ASP B 208 9.58 3.32 18.44
CA ASP B 208 8.55 4.35 18.67
C ASP B 208 8.81 5.62 17.87
N LYS B 209 7.81 6.51 17.91
CA LYS B 209 7.90 7.84 17.31
C LYS B 209 6.90 8.72 18.03
N SER B 210 7.36 9.90 18.46
CA SER B 210 6.50 10.80 19.21
C SER B 210 6.24 12.08 18.40
N GLY B 211 5.32 12.88 18.91
CA GLY B 211 5.05 14.15 18.28
C GLY B 211 4.49 15.13 19.28
N ALA B 212 4.59 16.41 18.94
CA ALA B 212 3.96 17.50 19.66
C ALA B 212 3.51 18.54 18.66
N GLY B 213 2.42 19.24 18.99
CA GLY B 213 1.90 20.23 18.07
C GLY B 213 1.16 21.36 18.74
N GLY B 214 0.28 22.01 17.97
CA GLY B 214 -0.52 23.08 18.51
C GLY B 214 -1.58 22.58 19.48
N ARG B 215 -2.21 23.52 20.17
CA ARG B 215 -3.28 23.23 21.11
C ARG B 215 -2.85 22.26 22.22
N GLY B 216 -1.56 22.24 22.56
CA GLY B 216 -1.05 21.33 23.56
C GLY B 216 -0.97 19.88 23.11
N SER B 217 -1.07 19.62 21.81
CA SER B 217 -1.14 18.23 21.37
C SER B 217 0.19 17.53 21.60
N ARG B 218 0.10 16.23 21.87
CA ARG B 218 1.25 15.40 22.22
C ARG B 218 0.84 13.96 21.95
N GLY B 219 1.78 13.14 21.49
CA GLY B 219 1.38 11.77 21.25
C GLY B 219 2.57 10.89 20.97
N ILE B 220 2.31 9.59 20.92
CA ILE B 220 3.36 8.62 20.62
C ILE B 220 2.72 7.40 20.02
N VAL B 221 3.43 6.77 19.09
CA VAL B 221 3.07 5.45 18.59
C VAL B 221 4.28 4.55 18.84
N ALA B 222 4.01 3.30 19.21
CA ALA B 222 5.12 2.41 19.58
C ALA B 222 4.71 0.95 19.42
N ALA B 223 5.68 0.12 19.09
CA ALA B 223 5.60 -1.32 19.27
C ALA B 223 6.53 -1.66 20.42
N LEU B 224 6.06 -2.44 21.38
CA LEU B 224 6.92 -2.71 22.53
C LEU B 224 6.54 -4.02 23.19
N GLY B 225 7.47 -4.56 23.95
CA GLY B 225 7.23 -5.78 24.69
C GLY B 225 8.50 -6.40 25.24
N PRO B 226 8.33 -7.41 26.09
CA PRO B 226 9.50 -8.15 26.58
C PRO B 226 10.22 -8.79 25.41
N PRO B 227 11.53 -9.04 25.55
CA PRO B 227 12.40 -9.31 24.38
C PRO B 227 11.85 -10.20 23.27
N GLY B 228 11.55 -11.46 23.55
CA GLY B 228 11.15 -12.35 22.47
C GLY B 228 9.69 -12.72 22.45
N LYS B 229 8.83 -11.84 22.95
CA LYS B 229 7.41 -12.13 23.08
C LYS B 229 6.63 -11.33 22.02
N PRO B 230 5.39 -11.71 21.73
CA PRO B 230 4.60 -10.91 20.77
C PRO B 230 4.39 -9.50 21.28
N PRO B 231 4.80 -8.50 20.51
CA PRO B 231 4.69 -7.11 20.98
C PRO B 231 3.25 -6.61 20.91
N ARG B 232 3.04 -5.48 21.57
CA ARG B 232 1.79 -4.75 21.43
C ARG B 232 2.09 -3.41 20.78
N ILE B 233 1.14 -2.92 20.02
CA ILE B 233 1.19 -1.57 19.46
C ILE B 233 0.45 -0.66 20.45
N VAL B 234 1.11 0.40 20.91
CA VAL B 234 0.49 1.36 21.81
C VAL B 234 0.41 2.69 21.05
N VAL B 235 -0.79 3.26 21.01
CA VAL B 235 -1.02 4.57 20.39
C VAL B 235 -1.65 5.47 21.42
N ILE B 236 -0.99 6.59 21.74
CA ILE B 236 -1.51 7.56 22.69
C ILE B 236 -1.46 8.95 22.08
N TYR B 237 -2.60 9.65 22.10
CA TYR B 237 -2.70 11.02 21.65
C TYR B 237 -3.39 11.85 22.71
N LEU B 238 -2.94 13.07 22.92
CA LEU B 238 -3.71 14.00 23.72
C LEU B 238 -3.67 15.36 23.06
N THR B 239 -4.68 16.17 23.33
CA THR B 239 -4.74 17.49 22.72
C THR B 239 -5.70 18.37 23.51
N GLU B 240 -5.79 19.62 23.10
CA GLU B 240 -6.70 20.62 23.68
C GLU B 240 -6.41 20.82 25.17
N THR B 241 -5.16 21.20 25.46
CA THR B 241 -4.74 21.37 26.85
C THR B 241 -3.73 22.50 26.96
N GLU B 242 -3.69 23.12 28.14
CA GLU B 242 -2.69 24.14 28.45
C GLU B 242 -1.56 23.59 29.28
N ALA B 243 -1.52 22.28 29.49
CA ALA B 243 -0.48 21.66 30.28
C ALA B 243 0.90 21.90 29.65
N THR B 244 1.91 22.03 30.52
CA THR B 244 3.26 22.25 30.03
C THR B 244 3.78 20.99 29.33
N MET B 245 4.86 21.16 28.58
CA MET B 245 5.48 19.99 27.96
C MET B 245 5.89 18.97 29.01
N ASP B 246 6.42 19.43 30.15
CA ASP B 246 6.84 18.49 31.19
C ASP B 246 5.66 17.70 31.72
N GLU B 247 4.52 18.38 31.90
CA GLU B 247 3.31 17.72 32.40
C GLU B 247 2.79 16.72 31.39
N ARG B 248 2.83 17.07 30.10
CA ARG B 248 2.33 16.15 29.08
C ARG B 248 3.27 14.96 28.93
N ASN B 249 4.59 15.21 28.99
CA ASN B 249 5.55 14.12 28.98
C ASN B 249 5.29 13.14 30.12
N ALA B 250 5.14 13.67 31.34
CA ALA B 250 4.94 12.81 32.51
C ALA B 250 3.63 12.04 32.38
N ALA B 251 2.62 12.66 31.80
CA ALA B 251 1.33 12.00 31.62
C ALA B 251 1.47 10.76 30.74
N ILE B 252 2.16 10.90 29.61
CA ILE B 252 2.35 9.77 28.71
C ILE B 252 3.22 8.70 29.37
N ALA B 253 4.24 9.12 30.13
CA ALA B 253 5.05 8.15 30.86
C ALA B 253 4.22 7.41 31.89
N GLU B 254 3.28 8.10 32.53
CA GLU B 254 2.44 7.49 33.55
C GLU B 254 1.51 6.45 32.94
N ILE B 255 0.95 6.75 31.76
CA ILE B 255 0.16 5.74 31.06
C ILE B 255 1.03 4.52 30.76
N GLY B 256 2.25 4.76 30.28
CA GLY B 256 3.16 3.66 30.00
C GLY B 256 3.45 2.82 31.23
N ALA B 257 3.70 3.48 32.36
CA ALA B 257 3.95 2.74 33.60
C ALA B 257 2.77 1.85 33.95
N ALA B 258 1.54 2.38 33.80
CA ALA B 258 0.36 1.56 34.07
C ALA B 258 0.30 0.36 33.13
N LEU B 259 0.53 0.59 31.83
CA LEU B 259 0.47 -0.50 30.87
C LEU B 259 1.48 -1.59 31.18
N ILE B 260 2.69 -1.19 31.56
CA ILE B 260 3.73 -2.16 31.88
C ILE B 260 3.42 -2.88 33.18
N LYS B 261 2.90 -2.15 34.18
CA LYS B 261 2.48 -2.77 35.44
C LYS B 261 1.46 -3.88 35.21
N HIS B 262 0.55 -3.68 34.27
CA HIS B 262 -0.54 -4.63 34.05
C HIS B 262 -0.32 -5.48 32.81
N TRP B 263 0.91 -5.59 32.33
CA TRP B 263 1.21 -6.39 31.15
C TRP B 263 0.68 -7.81 31.23
#